data_6R85
#
_entry.id   6R85
#
_cell.length_a   35.886
_cell.length_b   61.280
_cell.length_c   64.103
_cell.angle_alpha   75.190
_cell.angle_beta   75.530
_cell.angle_gamma   90.020
#
_symmetry.space_group_name_H-M   'P 1'
#
loop_
_entity.id
_entity.type
_entity.pdbx_description
1 polymer 'Glutamate receptor 3.3,Glutamate receptor 3.3'
2 non-polymer 'GLUTAMIC ACID'
3 non-polymer 'SULFATE ION'
4 non-polymer 'SODIUM ION'
5 non-polymer 1,2-ETHANEDIOL
6 water water
#
_entity_poly.entity_id   1
_entity_poly.type   'polypeptide(L)'
_entity_poly.pdbx_seq_one_letter_code
;GPMGKELKIGVPLRVSYKEFVSQIRGTENMFKGFCIDVFTAAVNLLPYAVPVKFIPYGNGKENPSYTHMVEMITTGNFDG
VVGDVAIVTNRTKIVDFTQPYAASGLVVVAPGGTPIKGIESLRERDDPIGYQVGSFAESYLRNELNISESRLVPLGTPEA
YAKALKDGPSKGGVAAIVDERPYVELFLSSNCAYRIVGQEFTKSGWGFAFPRDSPLAIDLSTAILELAENGDLQRIHDKW
LMKNACT
;
_entity_poly.pdbx_strand_id   A,B
#
loop_
_chem_comp.id
_chem_comp.type
_chem_comp.name
_chem_comp.formula
EDO non-polymer 1,2-ETHANEDIOL 'C2 H6 O2'
NA non-polymer 'SODIUM ION' 'Na 1'
SO4 non-polymer 'SULFATE ION' 'O4 S -2'
#
# COMPACT_ATOMS: atom_id res chain seq x y z
N GLU A 6 8.44 -28.47 5.35
CA GLU A 6 8.47 -27.61 4.13
C GLU A 6 8.85 -26.19 4.55
N LEU A 7 9.61 -25.48 3.74
CA LEU A 7 9.92 -24.05 4.01
C LEU A 7 8.75 -23.19 3.54
N LYS A 8 8.43 -22.18 4.34
CA LYS A 8 7.47 -21.13 3.97
C LYS A 8 8.27 -20.06 3.22
N ILE A 9 8.11 -20.03 1.90
CA ILE A 9 8.85 -19.11 1.00
C ILE A 9 7.90 -17.99 0.57
N GLY A 10 8.12 -16.79 1.08
CA GLY A 10 7.38 -15.60 0.62
C GLY A 10 7.66 -15.37 -0.86
N VAL A 11 6.61 -15.16 -1.65
CA VAL A 11 6.74 -14.72 -3.07
C VAL A 11 5.99 -13.40 -3.23
N PRO A 12 6.54 -12.38 -3.92
CA PRO A 12 5.80 -11.14 -4.15
C PRO A 12 4.63 -11.39 -5.10
N LEU A 13 3.43 -10.94 -4.69
CA LEU A 13 2.19 -11.05 -5.47
C LEU A 13 2.17 -9.83 -6.40
N ARG A 14 2.78 -9.97 -7.57
CA ARG A 14 2.99 -8.86 -8.53
C ARG A 14 1.69 -8.62 -9.33
N VAL A 15 1.41 -7.37 -9.62
CA VAL A 15 0.18 -6.93 -10.33
C VAL A 15 0.57 -6.51 -11.75
N SER A 16 1.86 -6.35 -12.00
CA SER A 16 2.42 -5.86 -13.28
C SER A 16 3.73 -6.58 -13.55
N TYR A 17 4.17 -6.62 -14.81
CA TYR A 17 5.47 -7.22 -15.20
C TYR A 17 5.57 -8.65 -14.67
N LYS A 18 4.47 -9.41 -14.86
CA LYS A 18 4.27 -10.76 -14.29
C LYS A 18 5.31 -11.74 -14.86
N GLU A 19 6.01 -11.38 -15.94
CA GLU A 19 7.07 -12.25 -16.53
C GLU A 19 8.05 -12.70 -15.44
N PHE A 20 8.31 -11.85 -14.45
CA PHE A 20 9.28 -12.08 -13.35
C PHE A 20 8.74 -13.14 -12.38
N VAL A 21 7.51 -12.92 -11.87
CA VAL A 21 6.78 -13.78 -10.89
C VAL A 21 5.28 -13.50 -11.08
N SER A 22 4.41 -14.52 -11.19
CA SER A 22 2.95 -14.29 -11.04
C SER A 22 2.24 -15.50 -10.42
N GLN A 23 1.23 -15.20 -9.63
CA GLN A 23 0.36 -16.23 -9.03
C GLN A 23 -0.48 -16.84 -10.17
N ILE A 24 -0.65 -18.15 -10.14
CA ILE A 24 -1.49 -18.88 -11.13
C ILE A 24 -2.96 -18.67 -10.78
N ARG A 25 -3.75 -18.26 -11.78
CA ARG A 25 -5.22 -18.04 -11.69
C ARG A 25 -5.87 -19.35 -11.26
N GLY A 26 -6.70 -19.30 -10.22
CA GLY A 26 -7.37 -20.45 -9.63
C GLY A 26 -6.59 -21.03 -8.45
N THR A 27 -5.50 -20.37 -8.01
CA THR A 27 -4.63 -20.85 -6.88
C THR A 27 -4.17 -19.69 -5.98
N GLU A 28 -3.88 -19.97 -4.70
CA GLU A 28 -3.18 -19.04 -3.77
C GLU A 28 -1.67 -19.25 -3.85
N ASN A 29 -1.19 -20.49 -3.95
CA ASN A 29 0.23 -20.80 -3.63
C ASN A 29 0.98 -21.30 -4.86
N MET A 30 0.41 -21.11 -6.04
CA MET A 30 1.02 -21.61 -7.29
C MET A 30 1.49 -20.40 -8.11
N PHE A 31 2.78 -20.41 -8.49
CA PHE A 31 3.49 -19.29 -9.14
C PHE A 31 4.29 -19.74 -10.36
N LYS A 32 4.48 -18.81 -11.30
CA LYS A 32 5.31 -19.06 -12.50
C LYS A 32 6.14 -17.80 -12.78
N GLY A 33 7.16 -17.91 -13.61
CA GLY A 33 7.99 -16.78 -14.07
C GLY A 33 9.48 -17.04 -13.93
N PHE A 34 10.27 -16.11 -14.45
CA PHE A 34 11.76 -16.14 -14.51
C PHE A 34 12.33 -16.46 -13.12
N CYS A 35 11.93 -15.70 -12.10
CA CYS A 35 12.46 -15.86 -10.73
C CYS A 35 12.18 -17.30 -10.25
N ILE A 36 10.99 -17.82 -10.56
CA ILE A 36 10.53 -19.16 -10.08
C ILE A 36 11.32 -20.24 -10.83
N ASP A 37 11.59 -20.05 -12.12
CA ASP A 37 12.37 -21.01 -12.94
C ASP A 37 13.81 -21.06 -12.43
N VAL A 38 14.41 -19.89 -12.19
CA VAL A 38 15.78 -19.77 -11.60
C VAL A 38 15.82 -20.56 -10.30
N PHE A 39 14.96 -20.22 -9.35
CA PHE A 39 14.90 -20.95 -8.06
C PHE A 39 14.85 -22.47 -8.26
N THR A 40 13.97 -22.93 -9.15
CA THR A 40 13.66 -24.36 -9.36
C THR A 40 14.91 -25.03 -9.92
N ALA A 41 15.52 -24.36 -10.91
CA ALA A 41 16.80 -24.76 -11.55
C ALA A 41 17.86 -24.93 -10.47
N ALA A 42 18.03 -23.91 -9.62
CA ALA A 42 19.10 -23.85 -8.60
C ALA A 42 18.92 -24.95 -7.56
N VAL A 43 17.71 -25.10 -7.05
CA VAL A 43 17.39 -26.15 -6.02
C VAL A 43 17.72 -27.54 -6.55
N ASN A 44 17.54 -27.76 -7.85
CA ASN A 44 17.71 -29.11 -8.44
C ASN A 44 19.20 -29.47 -8.43
N LEU A 45 20.11 -28.52 -8.28
CA LEU A 45 21.57 -28.80 -8.25
C LEU A 45 22.06 -29.07 -6.82
N LEU A 46 21.20 -28.90 -5.81
CA LEU A 46 21.60 -29.05 -4.38
C LEU A 46 21.68 -30.54 -4.05
N PRO A 47 22.47 -30.94 -3.02
CA PRO A 47 22.56 -32.34 -2.62
C PRO A 47 21.36 -32.82 -1.80
N TYR A 48 20.49 -31.89 -1.36
CA TYR A 48 19.33 -32.20 -0.48
C TYR A 48 18.03 -31.69 -1.12
N ALA A 49 16.90 -32.28 -0.69
CA ALA A 49 15.54 -31.90 -1.12
C ALA A 49 15.16 -30.62 -0.40
N VAL A 50 14.43 -29.75 -1.07
CA VAL A 50 13.90 -28.49 -0.49
C VAL A 50 12.40 -28.41 -0.81
N PRO A 51 11.55 -29.09 -0.02
CA PRO A 51 10.11 -28.97 -0.16
C PRO A 51 9.66 -27.55 0.24
N VAL A 52 8.85 -26.88 -0.58
CA VAL A 52 8.51 -25.45 -0.31
C VAL A 52 6.99 -25.30 -0.24
N LYS A 53 6.56 -24.22 0.41
CA LYS A 53 5.22 -23.65 0.18
C LYS A 53 5.43 -22.18 -0.22
N PHE A 54 5.12 -21.83 -1.47
CA PHE A 54 5.11 -20.42 -1.96
C PHE A 54 3.95 -19.66 -1.30
N ILE A 55 4.23 -18.68 -0.44
CA ILE A 55 3.21 -17.82 0.23
C ILE A 55 3.19 -16.44 -0.41
N PRO A 56 2.06 -16.00 -1.00
CA PRO A 56 1.99 -14.69 -1.62
C PRO A 56 2.16 -13.58 -0.57
N TYR A 57 3.01 -12.59 -0.85
CA TYR A 57 3.15 -11.36 -0.02
C TYR A 57 2.69 -10.17 -0.85
N GLY A 58 1.61 -9.50 -0.39
CA GLY A 58 0.97 -8.35 -1.07
C GLY A 58 -0.56 -8.41 -1.05
N ASN A 59 -1.20 -7.27 -1.33
CA ASN A 59 -2.67 -7.10 -1.15
C ASN A 59 -3.44 -7.47 -2.43
N GLY A 60 -2.74 -7.90 -3.48
CA GLY A 60 -3.36 -8.26 -4.76
C GLY A 60 -3.72 -7.05 -5.62
N LYS A 61 -3.60 -5.83 -5.10
CA LYS A 61 -4.02 -4.59 -5.81
C LYS A 61 -2.77 -3.82 -6.25
N GLU A 62 -1.76 -3.77 -5.40
CA GLU A 62 -0.50 -3.06 -5.69
C GLU A 62 0.66 -4.00 -5.38
N ASN A 63 1.75 -3.87 -6.13
CA ASN A 63 3.04 -4.56 -5.84
C ASN A 63 3.43 -4.25 -4.39
N PRO A 64 3.86 -5.24 -3.59
CA PRO A 64 4.27 -4.99 -2.21
C PRO A 64 5.60 -4.25 -2.07
N SER A 65 5.78 -3.63 -0.90
CA SER A 65 7.12 -3.21 -0.45
C SER A 65 8.00 -4.47 -0.33
N TYR A 66 8.98 -4.60 -1.22
CA TYR A 66 9.98 -5.70 -1.27
C TYR A 66 10.87 -5.69 -0.02
N THR A 67 11.17 -4.51 0.53
CA THR A 67 11.90 -4.41 1.81
C THR A 67 11.05 -5.09 2.89
N HIS A 68 9.76 -4.76 2.96
CA HIS A 68 8.83 -5.32 3.99
C HIS A 68 8.68 -6.83 3.80
N MET A 69 8.65 -7.30 2.55
CA MET A 69 8.57 -8.75 2.26
C MET A 69 9.74 -9.49 2.94
N VAL A 70 10.95 -8.97 2.74
CA VAL A 70 12.24 -9.53 3.23
C VAL A 70 12.28 -9.49 4.78
N GLU A 71 11.76 -8.42 5.40
CA GLU A 71 11.65 -8.24 6.87
C GLU A 71 10.88 -9.40 7.53
N MET A 72 9.88 -9.97 6.84
CA MET A 72 9.04 -11.12 7.32
C MET A 72 9.91 -12.38 7.47
N ILE A 73 11.12 -12.38 6.92
CA ILE A 73 12.14 -13.43 7.19
C ILE A 73 12.63 -13.27 8.64
N THR A 74 12.93 -12.03 9.06
CA THR A 74 13.56 -11.73 10.38
C THR A 74 12.58 -12.11 11.50
N THR A 75 11.28 -12.00 11.24
CA THR A 75 10.18 -12.31 12.20
C THR A 75 9.88 -13.81 12.21
N GLY A 76 10.49 -14.59 11.31
CA GLY A 76 10.25 -16.04 11.23
C GLY A 76 8.95 -16.37 10.50
N ASN A 77 8.25 -15.38 9.92
CA ASN A 77 6.99 -15.65 9.17
C ASN A 77 7.36 -16.35 7.85
N PHE A 78 8.48 -15.98 7.22
CA PHE A 78 9.04 -16.63 6.00
C PHE A 78 10.37 -17.31 6.33
N ASP A 79 10.60 -18.50 5.76
CA ASP A 79 11.88 -19.24 5.86
C ASP A 79 12.84 -18.68 4.80
N GLY A 80 12.30 -18.01 3.80
CA GLY A 80 13.09 -17.28 2.79
C GLY A 80 12.14 -16.61 1.82
N VAL A 81 12.67 -15.86 0.86
CA VAL A 81 11.88 -15.07 -0.12
C VAL A 81 12.44 -15.30 -1.52
N VAL A 82 11.57 -15.70 -2.46
CA VAL A 82 11.93 -15.90 -3.90
C VAL A 82 11.13 -14.89 -4.75
N GLY A 83 11.87 -14.07 -5.49
CA GLY A 83 11.36 -13.15 -6.51
C GLY A 83 12.45 -12.19 -6.96
N ASP A 84 12.01 -11.11 -7.62
CA ASP A 84 12.83 -10.07 -8.29
C ASP A 84 13.36 -9.10 -7.22
N VAL A 85 14.07 -9.62 -6.21
CA VAL A 85 14.50 -8.84 -5.01
C VAL A 85 15.91 -8.28 -5.23
N ALA A 86 16.02 -6.96 -5.32
CA ALA A 86 17.28 -6.24 -5.51
C ALA A 86 18.12 -6.32 -4.23
N ILE A 87 19.38 -6.72 -4.37
CA ILE A 87 20.33 -6.93 -3.24
C ILE A 87 20.87 -5.56 -2.83
N VAL A 88 20.12 -4.82 -2.02
CA VAL A 88 20.47 -3.43 -1.59
C VAL A 88 20.75 -3.41 -0.09
N THR A 89 21.52 -2.42 0.35
CA THR A 89 22.27 -2.39 1.62
C THR A 89 21.33 -2.55 2.82
N ASN A 90 20.24 -1.79 2.91
CA ASN A 90 19.30 -1.88 4.07
C ASN A 90 18.78 -3.32 4.21
N ARG A 91 18.54 -3.99 3.07
CA ARG A 91 18.07 -5.42 3.04
C ARG A 91 19.20 -6.35 3.49
N THR A 92 20.43 -6.14 3.01
CA THR A 92 21.58 -7.02 3.35
C THR A 92 21.90 -6.95 4.86
N LYS A 93 21.48 -5.89 5.56
CA LYS A 93 21.70 -5.72 7.04
C LYS A 93 20.73 -6.56 7.88
N ILE A 94 19.69 -7.15 7.28
CA ILE A 94 18.71 -7.95 8.06
C ILE A 94 18.60 -9.38 7.55
N VAL A 95 19.03 -9.70 6.32
CA VAL A 95 18.93 -11.08 5.75
C VAL A 95 20.14 -11.37 4.86
N ASP A 96 20.31 -12.64 4.49
CA ASP A 96 21.46 -13.17 3.71
C ASP A 96 20.97 -13.49 2.29
N PHE A 97 21.38 -12.70 1.32
CA PHE A 97 21.06 -12.91 -0.11
C PHE A 97 22.03 -13.92 -0.72
N THR A 98 21.55 -14.61 -1.77
CA THR A 98 22.40 -15.42 -2.67
C THR A 98 23.29 -14.51 -3.50
N GLN A 99 24.33 -15.04 -4.13
CA GLN A 99 24.86 -14.45 -5.37
C GLN A 99 23.69 -13.97 -6.20
N PRO A 100 23.89 -12.90 -6.98
CA PRO A 100 22.85 -12.45 -7.90
C PRO A 100 22.59 -13.46 -9.02
N TYR A 101 21.32 -13.67 -9.36
CA TYR A 101 20.94 -14.51 -10.52
C TYR A 101 20.53 -13.62 -11.71
N ALA A 102 20.47 -12.30 -11.52
CA ALA A 102 20.04 -11.34 -12.56
C ALA A 102 20.66 -9.98 -12.30
N ALA A 103 21.22 -9.38 -13.36
CA ALA A 103 21.87 -8.05 -13.32
C ALA A 103 20.75 -7.01 -13.32
N SER A 104 20.89 -5.94 -12.56
CA SER A 104 19.87 -4.89 -12.51
C SER A 104 20.52 -3.55 -12.18
N GLY A 105 19.70 -2.53 -12.04
CA GLY A 105 20.06 -1.21 -11.51
C GLY A 105 19.22 -0.14 -12.16
N LEU A 106 19.28 1.06 -11.61
CA LEU A 106 18.30 2.11 -11.94
C LEU A 106 18.69 2.77 -13.25
N VAL A 107 17.68 3.09 -14.05
CA VAL A 107 17.80 3.96 -15.25
C VAL A 107 16.73 5.05 -15.14
N VAL A 108 16.90 6.14 -15.90
CA VAL A 108 15.92 7.23 -16.11
C VAL A 108 15.17 6.89 -17.40
N VAL A 109 13.83 6.83 -17.33
CA VAL A 109 12.91 6.67 -18.49
C VAL A 109 12.18 8.00 -18.69
N ALA A 110 12.09 8.46 -19.93
CA ALA A 110 11.54 9.79 -20.29
C ALA A 110 11.00 9.72 -21.72
N PRO A 111 10.23 10.73 -22.16
CA PRO A 111 9.88 10.89 -23.58
C PRO A 111 11.08 11.15 -24.51
N GLY A 112 10.94 10.68 -25.75
CA GLY A 112 11.86 10.91 -26.90
C GLY A 112 12.58 12.25 -26.87
N GLY A 113 11.86 13.36 -26.79
CA GLY A 113 12.45 14.70 -26.96
C GLY A 113 12.76 15.40 -25.64
N THR A 114 12.76 14.67 -24.52
CA THR A 114 12.94 15.23 -23.15
C THR A 114 14.20 16.10 -23.11
N PRO A 115 14.21 17.23 -22.38
CA PRO A 115 15.44 18.00 -22.14
C PRO A 115 16.39 17.35 -21.12
N ILE A 116 15.92 16.35 -20.39
CA ILE A 116 16.70 15.60 -19.35
C ILE A 116 17.85 14.83 -20.00
N LYS A 117 19.07 15.00 -19.48
CA LYS A 117 20.30 14.33 -19.97
C LYS A 117 20.52 13.03 -19.20
N GLY A 118 20.08 12.98 -17.94
CA GLY A 118 20.13 11.77 -17.10
C GLY A 118 19.78 12.11 -15.66
N ILE A 119 20.21 11.27 -14.72
CA ILE A 119 19.85 11.36 -13.28
C ILE A 119 20.27 12.73 -12.73
N GLU A 120 21.48 13.21 -13.09
CA GLU A 120 22.08 14.47 -12.60
C GLU A 120 21.22 15.67 -13.00
N SER A 121 20.66 15.66 -14.21
CA SER A 121 19.87 16.79 -14.77
C SER A 121 18.45 16.68 -14.21
N LEU A 122 17.91 15.46 -14.19
CA LEU A 122 16.59 15.15 -13.59
C LEU A 122 16.54 15.72 -12.16
N ARG A 123 17.66 15.57 -11.45
CA ARG A 123 17.96 16.06 -10.07
C ARG A 123 17.47 17.51 -9.86
N GLU A 124 18.07 18.49 -10.55
CA GLU A 124 17.94 19.95 -10.28
C GLU A 124 16.59 20.48 -10.75
N ARG A 125 15.80 19.68 -11.48
CA ARG A 125 14.47 20.01 -12.03
C ARG A 125 13.48 20.25 -10.89
N ASP A 126 12.31 20.79 -11.23
CA ASP A 126 11.22 21.22 -10.30
C ASP A 126 10.10 20.19 -10.26
N ASP A 127 10.13 19.21 -11.18
CA ASP A 127 8.94 18.45 -11.67
C ASP A 127 8.86 17.09 -11.01
N PRO A 128 7.69 16.41 -11.11
CA PRO A 128 7.55 15.06 -10.56
C PRO A 128 8.44 14.02 -11.27
N ILE A 129 8.89 13.05 -10.48
CA ILE A 129 9.62 11.82 -10.91
C ILE A 129 8.75 10.62 -10.52
N GLY A 130 8.52 9.70 -11.45
CA GLY A 130 7.83 8.43 -11.15
C GLY A 130 8.79 7.41 -10.59
N TYR A 131 8.29 6.54 -9.71
CA TYR A 131 8.96 5.26 -9.31
C TYR A 131 7.90 4.16 -9.23
N GLN A 132 8.38 2.91 -9.19
CA GLN A 132 7.52 1.70 -9.15
C GLN A 132 7.06 1.46 -7.71
N VAL A 133 5.75 1.23 -7.57
CA VAL A 133 5.12 0.82 -6.28
C VAL A 133 5.97 -0.31 -5.68
N GLY A 134 6.47 -0.08 -4.46
CA GLY A 134 7.05 -1.10 -3.58
C GLY A 134 8.55 -1.16 -3.72
N SER A 135 9.12 -0.36 -4.63
CA SER A 135 10.55 -0.41 -5.01
C SER A 135 11.40 0.30 -3.95
N PHE A 136 12.67 -0.10 -3.86
CA PHE A 136 13.72 0.65 -3.12
C PHE A 136 13.93 2.02 -3.76
N ALA A 137 13.58 2.16 -5.05
CA ALA A 137 13.84 3.37 -5.86
C ALA A 137 13.39 4.64 -5.14
N GLU A 138 12.31 4.57 -4.35
CA GLU A 138 11.77 5.73 -3.59
C GLU A 138 12.81 6.23 -2.57
N SER A 139 13.34 5.36 -1.71
CA SER A 139 14.37 5.70 -0.69
C SER A 139 15.67 6.14 -1.39
N TYR A 140 15.97 5.57 -2.54
CA TYR A 140 17.21 5.94 -3.28
C TYR A 140 17.10 7.40 -3.73
N LEU A 141 15.96 7.75 -4.33
CA LEU A 141 15.70 9.14 -4.80
C LEU A 141 15.80 10.11 -3.60
N ARG A 142 15.23 9.71 -2.46
CA ARG A 142 15.23 10.54 -1.23
C ARG A 142 16.63 10.55 -0.60
N ASN A 143 17.26 9.40 -0.37
CA ASN A 143 18.48 9.30 0.48
C ASN A 143 19.73 9.69 -0.31
N GLU A 144 19.75 9.36 -1.60
CA GLU A 144 20.97 9.47 -2.44
C GLU A 144 20.94 10.78 -3.23
N LEU A 145 19.76 11.26 -3.64
CA LEU A 145 19.67 12.46 -4.51
C LEU A 145 18.95 13.63 -3.79
N ASN A 146 18.40 13.44 -2.59
CA ASN A 146 17.67 14.47 -1.78
C ASN A 146 16.49 15.06 -2.56
N ILE A 147 15.83 14.25 -3.41
CA ILE A 147 14.59 14.65 -4.13
C ILE A 147 13.45 14.74 -3.12
N SER A 148 12.74 15.86 -3.10
CA SER A 148 11.57 16.06 -2.20
C SER A 148 10.54 14.94 -2.47
N GLU A 149 9.94 14.41 -1.40
CA GLU A 149 8.78 13.50 -1.43
C GLU A 149 7.60 14.13 -2.18
N SER A 150 7.48 15.46 -2.18
CA SER A 150 6.39 16.20 -2.89
C SER A 150 6.47 15.92 -4.41
N ARG A 151 7.66 15.57 -4.91
CA ARG A 151 7.95 15.39 -6.36
C ARG A 151 7.84 13.91 -6.74
N LEU A 152 7.81 12.99 -5.76
CA LEU A 152 7.91 11.53 -6.06
C LEU A 152 6.51 10.97 -6.18
N VAL A 153 6.22 10.30 -7.32
CA VAL A 153 4.90 9.73 -7.70
C VAL A 153 5.03 8.22 -7.87
N PRO A 154 4.36 7.40 -7.03
CA PRO A 154 4.36 5.95 -7.24
C PRO A 154 3.45 5.51 -8.40
N LEU A 155 3.94 4.58 -9.21
CA LEU A 155 3.25 4.10 -10.45
C LEU A 155 3.31 2.58 -10.44
N GLY A 156 2.15 1.93 -10.61
CA GLY A 156 1.97 0.50 -10.26
C GLY A 156 2.07 -0.41 -11.46
N THR A 157 1.87 0.10 -12.69
CA THR A 157 1.70 -0.66 -13.95
C THR A 157 2.42 0.02 -15.12
N PRO A 158 2.81 -0.73 -16.17
CA PRO A 158 3.32 -0.12 -17.40
C PRO A 158 2.33 0.87 -18.01
N GLU A 159 1.03 0.58 -17.94
CA GLU A 159 -0.08 1.47 -18.37
C GLU A 159 -0.03 2.79 -17.57
N ALA A 160 0.25 2.73 -16.26
CA ALA A 160 0.34 3.94 -15.42
C ALA A 160 1.62 4.70 -15.77
N TYR A 161 2.73 4.00 -16.02
CA TYR A 161 4.01 4.60 -16.49
C TYR A 161 3.74 5.46 -17.71
N ALA A 162 3.06 4.86 -18.70
CA ALA A 162 2.84 5.44 -20.04
C ALA A 162 1.94 6.69 -19.95
N LYS A 163 0.82 6.56 -19.22
CA LYS A 163 -0.11 7.69 -18.99
C LYS A 163 0.64 8.84 -18.34
N ALA A 164 1.48 8.55 -17.34
CA ALA A 164 2.18 9.57 -16.51
C ALA A 164 3.21 10.31 -17.35
N LEU A 165 3.95 9.60 -18.20
CA LEU A 165 4.96 10.19 -19.12
C LEU A 165 4.25 10.98 -20.22
N LYS A 166 3.13 10.47 -20.72
CA LYS A 166 2.39 11.09 -21.84
C LYS A 166 1.82 12.42 -21.35
N ASP A 167 1.16 12.40 -20.18
CA ASP A 167 0.51 13.57 -19.53
C ASP A 167 1.57 14.64 -19.19
N GLY A 168 2.73 14.25 -18.65
CA GLY A 168 3.80 15.20 -18.24
C GLY A 168 3.40 15.99 -17.00
N PRO A 169 4.33 16.75 -16.38
CA PRO A 169 4.04 17.50 -15.15
C PRO A 169 2.85 18.46 -15.29
N SER A 170 2.55 18.94 -16.50
CA SER A 170 1.49 19.92 -16.78
C SER A 170 0.10 19.33 -16.56
N LYS A 171 -0.03 17.99 -16.58
CA LYS A 171 -1.35 17.31 -16.53
C LYS A 171 -1.33 16.20 -15.48
N GLY A 172 -0.64 16.42 -14.36
CA GLY A 172 -0.63 15.49 -13.22
C GLY A 172 0.16 14.22 -13.50
N GLY A 173 1.10 14.26 -14.44
CA GLY A 173 2.03 13.16 -14.72
C GLY A 173 3.43 13.46 -14.22
N VAL A 174 4.44 12.90 -14.88
CA VAL A 174 5.86 12.98 -14.46
C VAL A 174 6.70 13.46 -15.64
N ALA A 175 7.90 13.98 -15.35
CA ALA A 175 8.92 14.38 -16.36
C ALA A 175 9.71 13.13 -16.75
N ALA A 176 9.77 12.16 -15.84
CA ALA A 176 10.56 10.94 -16.00
C ALA A 176 10.16 9.92 -14.94
N ILE A 177 10.63 8.69 -15.12
CA ILE A 177 10.47 7.54 -14.20
C ILE A 177 11.87 6.99 -13.94
N VAL A 178 12.18 6.72 -12.67
CA VAL A 178 13.39 5.98 -12.26
C VAL A 178 12.93 4.59 -11.80
N ASP A 179 13.46 3.55 -12.47
CA ASP A 179 13.09 2.15 -12.22
C ASP A 179 14.23 1.27 -12.73
N GLU A 180 14.29 0.03 -12.28
CA GLU A 180 15.41 -0.87 -12.65
C GLU A 180 15.24 -1.32 -14.08
N ARG A 181 16.37 -1.56 -14.75
CA ARG A 181 16.43 -1.80 -16.22
C ARG A 181 15.47 -2.91 -16.64
N PRO A 182 15.45 -4.09 -15.95
CA PRO A 182 14.56 -5.19 -16.34
C PRO A 182 13.08 -4.84 -16.58
N TYR A 183 12.43 -4.15 -15.64
CA TYR A 183 11.04 -3.65 -15.83
C TYR A 183 11.03 -2.66 -17.00
N VAL A 184 12.03 -1.79 -17.11
CA VAL A 184 12.04 -0.70 -18.12
C VAL A 184 12.11 -1.29 -19.53
N GLU A 185 12.89 -2.36 -19.74
CA GLU A 185 13.00 -3.03 -21.06
C GLU A 185 11.64 -3.59 -21.46
N LEU A 186 10.96 -4.29 -20.54
CA LEU A 186 9.58 -4.80 -20.75
C LEU A 186 8.63 -3.63 -21.07
N PHE A 187 8.77 -2.51 -20.38
CA PHE A 187 7.92 -1.31 -20.59
C PHE A 187 8.09 -0.78 -22.02
N LEU A 188 9.33 -0.46 -22.42
CA LEU A 188 9.67 0.17 -23.72
C LEU A 188 9.29 -0.78 -24.87
N SER A 189 9.36 -2.10 -24.66
CA SER A 189 8.98 -3.13 -25.67
C SER A 189 7.53 -2.92 -26.09
N SER A 190 6.66 -2.45 -25.18
CA SER A 190 5.20 -2.28 -25.37
C SER A 190 4.84 -0.80 -25.55
N ASN A 191 5.82 0.09 -25.40
CA ASN A 191 5.60 1.54 -25.28
C ASN A 191 6.78 2.26 -25.94
N CYS A 192 6.95 2.06 -27.25
CA CYS A 192 8.20 2.40 -27.99
C CYS A 192 8.38 3.91 -28.14
N ALA A 193 7.48 4.75 -27.60
CA ALA A 193 7.61 6.23 -27.67
C ALA A 193 8.66 6.71 -26.66
N TYR A 194 8.93 5.94 -25.60
CA TYR A 194 9.81 6.33 -24.47
C TYR A 194 11.20 5.75 -24.69
N ARG A 195 12.16 6.27 -23.92
CA ARG A 195 13.59 5.91 -24.01
C ARG A 195 14.17 5.90 -22.59
N ILE A 196 15.23 5.11 -22.39
CA ILE A 196 16.21 5.32 -21.28
C ILE A 196 17.05 6.54 -21.69
N VAL A 197 17.23 7.48 -20.76
CA VAL A 197 18.16 8.64 -20.93
C VAL A 197 19.37 8.41 -20.02
N GLY A 198 20.57 8.55 -20.58
CA GLY A 198 21.84 8.42 -19.83
C GLY A 198 22.18 6.98 -19.48
N GLN A 199 23.05 6.82 -18.48
CA GLN A 199 23.68 5.53 -18.09
C GLN A 199 22.88 4.95 -16.93
N GLU A 200 22.78 3.62 -16.87
CA GLU A 200 22.49 2.88 -15.61
C GLU A 200 23.43 3.42 -14.53
N PHE A 201 22.88 3.97 -13.44
CA PHE A 201 23.62 4.67 -12.36
C PHE A 201 23.56 3.91 -11.03
N THR A 202 22.95 2.71 -11.02
CA THR A 202 23.16 1.70 -9.94
C THR A 202 23.27 0.32 -10.61
N LYS A 203 23.67 -0.68 -9.82
CA LYS A 203 24.19 -1.98 -10.31
C LYS A 203 23.81 -3.16 -9.39
N SER A 204 22.99 -2.98 -8.35
CA SER A 204 22.53 -4.12 -7.50
C SER A 204 21.68 -5.10 -8.35
N GLY A 205 22.07 -6.37 -8.34
CA GLY A 205 21.34 -7.47 -8.99
C GLY A 205 20.20 -7.99 -8.13
N TRP A 206 19.53 -9.03 -8.61
CA TRP A 206 18.46 -9.74 -7.87
C TRP A 206 19.00 -10.99 -7.20
N GLY A 207 18.58 -11.20 -5.94
CA GLY A 207 18.98 -12.38 -5.16
C GLY A 207 17.78 -13.04 -4.50
N PHE A 208 17.96 -14.30 -4.09
CA PHE A 208 17.07 -14.99 -3.12
C PHE A 208 17.57 -14.68 -1.70
N ALA A 209 16.64 -14.46 -0.78
CA ALA A 209 16.87 -13.94 0.59
C ALA A 209 16.51 -15.04 1.59
N PHE A 210 17.37 -15.29 2.56
CA PHE A 210 17.18 -16.31 3.63
C PHE A 210 17.61 -15.68 4.94
N PRO A 211 17.32 -16.33 6.08
CA PRO A 211 17.77 -15.83 7.38
C PRO A 211 19.28 -15.63 7.40
N ARG A 212 19.77 -14.64 8.17
CA ARG A 212 21.23 -14.45 8.38
C ARG A 212 21.84 -15.78 8.79
N ASP A 213 23.02 -16.09 8.25
CA ASP A 213 23.79 -17.35 8.47
C ASP A 213 23.05 -18.60 7.93
N SER A 214 22.03 -18.46 7.06
CA SER A 214 21.36 -19.60 6.36
C SER A 214 22.37 -20.35 5.51
N PRO A 215 22.55 -21.68 5.71
CA PRO A 215 23.30 -22.51 4.76
C PRO A 215 22.68 -22.58 3.35
N LEU A 216 21.37 -22.37 3.24
CA LEU A 216 20.59 -22.47 1.98
C LEU A 216 20.97 -21.32 1.02
N ALA A 217 21.24 -20.13 1.54
CA ALA A 217 21.75 -18.95 0.78
C ALA A 217 23.13 -19.22 0.18
N ILE A 218 24.04 -19.90 0.90
CA ILE A 218 25.41 -20.25 0.42
C ILE A 218 25.33 -21.40 -0.60
N ASP A 219 24.59 -22.47 -0.30
CA ASP A 219 24.37 -23.63 -1.19
C ASP A 219 23.72 -23.14 -2.50
N LEU A 220 22.67 -22.32 -2.40
CA LEU A 220 21.97 -21.78 -3.60
C LEU A 220 22.87 -20.86 -4.41
N SER A 221 23.78 -20.11 -3.77
CA SER A 221 24.78 -19.24 -4.48
C SER A 221 25.67 -20.09 -5.40
N THR A 222 26.16 -21.23 -4.91
CA THR A 222 27.05 -22.13 -5.70
C THR A 222 26.27 -22.60 -6.93
N ALA A 223 25.03 -23.06 -6.68
CA ALA A 223 24.05 -23.52 -7.70
C ALA A 223 23.80 -22.45 -8.76
N ILE A 224 23.67 -21.17 -8.36
CA ILE A 224 23.44 -20.01 -9.28
C ILE A 224 24.71 -19.79 -10.13
N LEU A 225 25.89 -19.81 -9.50
CA LEU A 225 27.22 -19.74 -10.19
C LEU A 225 27.36 -20.89 -11.21
N GLU A 226 26.78 -22.06 -10.92
CA GLU A 226 26.74 -23.24 -11.82
C GLU A 226 25.84 -22.92 -13.04
N LEU A 227 24.70 -22.28 -12.82
CA LEU A 227 23.72 -21.94 -13.88
C LEU A 227 24.32 -20.88 -14.81
N ALA A 228 24.98 -19.87 -14.23
CA ALA A 228 25.63 -18.75 -14.96
C ALA A 228 26.81 -19.27 -15.80
N GLU A 229 27.65 -20.13 -15.23
CA GLU A 229 28.92 -20.55 -15.89
C GLU A 229 28.60 -21.39 -17.14
N ASN A 230 27.50 -22.15 -17.07
CA ASN A 230 26.98 -23.08 -18.12
C ASN A 230 26.15 -22.40 -19.20
N GLY A 231 25.72 -21.14 -18.98
CA GLY A 231 24.87 -20.41 -19.93
C GLY A 231 23.38 -20.63 -19.70
N ASP A 232 22.97 -21.38 -18.67
CA ASP A 232 21.54 -21.76 -18.44
C ASP A 232 20.76 -20.56 -17.91
N LEU A 233 21.39 -19.82 -17.01
CA LEU A 233 20.83 -18.57 -16.45
C LEU A 233 20.40 -17.65 -17.61
N GLN A 234 21.30 -17.42 -18.58
CA GLN A 234 20.96 -16.59 -19.76
C GLN A 234 19.82 -17.26 -20.53
N ARG A 235 19.84 -18.59 -20.63
CA ARG A 235 18.79 -19.36 -21.37
C ARG A 235 17.43 -19.12 -20.72
N ILE A 236 17.39 -19.18 -19.39
CA ILE A 236 16.15 -19.00 -18.59
C ILE A 236 15.66 -17.56 -18.77
N HIS A 237 16.54 -16.60 -18.54
CA HIS A 237 16.31 -15.14 -18.79
C HIS A 237 15.67 -14.97 -20.16
N ASP A 238 16.23 -15.58 -21.19
CA ASP A 238 15.84 -15.30 -22.60
C ASP A 238 14.46 -15.92 -22.87
N LYS A 239 14.15 -17.02 -22.21
CA LYS A 239 12.88 -17.73 -22.48
C LYS A 239 11.73 -16.94 -21.84
N TRP A 240 11.96 -16.12 -20.80
CA TRP A 240 10.92 -15.28 -20.14
C TRP A 240 10.95 -13.82 -20.65
N LEU A 241 12.14 -13.34 -20.97
CA LEU A 241 12.42 -11.93 -21.32
C LEU A 241 13.11 -11.99 -22.69
N MET A 242 12.52 -11.40 -23.72
CA MET A 242 13.19 -11.23 -25.05
C MET A 242 12.55 -10.03 -25.75
N CYS A 246 12.31 -2.62 -30.13
CA CYS A 246 11.57 -1.53 -30.81
C CYS A 246 12.13 -1.33 -32.23
N LYS B 5 -16.49 28.17 -9.81
CA LYS B 5 -15.24 28.30 -9.02
C LYS B 5 -15.40 27.66 -7.64
N GLU B 6 -16.40 26.81 -7.44
CA GLU B 6 -16.53 26.03 -6.18
C GLU B 6 -15.55 24.86 -6.28
N LEU B 7 -14.96 24.44 -5.16
CA LEU B 7 -14.08 23.27 -5.11
C LEU B 7 -14.95 22.01 -5.19
N LYS B 8 -14.54 21.03 -6.01
CA LYS B 8 -15.10 19.66 -6.10
C LYS B 8 -14.52 18.84 -4.93
N ILE B 9 -15.27 18.73 -3.84
CA ILE B 9 -14.80 18.02 -2.62
C ILE B 9 -15.47 16.65 -2.58
N GLY B 10 -14.67 15.59 -2.79
CA GLY B 10 -15.04 14.19 -2.59
C GLY B 10 -15.38 13.90 -1.14
N VAL B 11 -16.56 13.32 -0.91
CA VAL B 11 -17.02 12.85 0.43
C VAL B 11 -17.39 11.36 0.28
N PRO B 12 -16.96 10.49 1.23
CA PRO B 12 -17.35 9.09 1.18
C PRO B 12 -18.86 8.97 1.47
N LEU B 13 -19.57 8.27 0.58
CA LEU B 13 -20.99 7.88 0.74
C LEU B 13 -21.07 6.66 1.65
N ARG B 14 -21.09 6.89 2.97
CA ARG B 14 -21.12 5.85 4.02
C ARG B 14 -22.53 5.23 4.07
N VAL B 15 -22.61 3.91 4.26
CA VAL B 15 -23.88 3.14 4.40
C VAL B 15 -23.94 2.62 5.83
N SER B 16 -22.89 2.82 6.62
CA SER B 16 -22.84 2.49 8.07
C SER B 16 -22.05 3.55 8.81
N TYR B 17 -22.21 3.60 10.15
CA TYR B 17 -21.47 4.56 11.00
C TYR B 17 -21.61 5.95 10.38
N LYS B 18 -22.87 6.38 10.17
CA LYS B 18 -23.24 7.62 9.45
C LYS B 18 -23.02 8.84 10.35
N GLU B 19 -22.80 8.64 11.65
CA GLU B 19 -22.37 9.70 12.59
C GLU B 19 -21.16 10.47 12.02
N PHE B 20 -20.25 9.82 11.29
CA PHE B 20 -19.02 10.46 10.75
C PHE B 20 -19.39 11.31 9.54
N VAL B 21 -20.08 10.71 8.56
CA VAL B 21 -20.56 11.38 7.31
C VAL B 21 -21.83 10.68 6.88
N SER B 22 -22.89 11.42 6.57
CA SER B 22 -24.07 10.86 5.91
C SER B 22 -24.63 11.85 4.91
N GLN B 23 -25.01 11.33 3.73
CA GLN B 23 -25.76 12.06 2.68
C GLN B 23 -27.20 12.23 3.16
N ILE B 24 -27.75 13.45 3.05
CA ILE B 24 -29.16 13.77 3.45
C ILE B 24 -30.12 13.14 2.45
N ARG B 25 -31.12 12.40 2.95
CA ARG B 25 -32.21 11.77 2.17
C ARG B 25 -32.96 12.82 1.34
N GLY B 26 -33.15 12.53 0.05
CA GLY B 26 -33.80 13.44 -0.92
C GLY B 26 -32.81 14.40 -1.60
N THR B 27 -31.48 14.20 -1.43
CA THR B 27 -30.39 15.03 -2.03
C THR B 27 -29.27 14.13 -2.57
N GLU B 28 -28.52 14.59 -3.59
CA GLU B 28 -27.24 13.98 -4.02
C GLU B 28 -26.07 14.61 -3.24
N ASN B 29 -26.05 15.95 -3.09
CA ASN B 29 -24.82 16.72 -2.76
C ASN B 29 -24.89 17.37 -1.37
N MET B 30 -25.80 16.93 -0.51
CA MET B 30 -25.92 17.50 0.86
C MET B 30 -25.55 16.42 1.88
N PHE B 31 -24.75 16.80 2.86
CA PHE B 31 -24.14 15.87 3.85
C PHE B 31 -24.14 16.54 5.21
N LYS B 32 -24.12 15.67 6.22
CA LYS B 32 -24.01 16.05 7.64
C LYS B 32 -23.06 15.06 8.30
N GLY B 33 -22.58 15.43 9.49
CA GLY B 33 -21.88 14.54 10.42
C GLY B 33 -20.60 15.14 10.93
N PHE B 34 -19.95 14.40 11.83
CA PHE B 34 -18.71 14.79 12.54
C PHE B 34 -17.71 15.43 11.57
N CYS B 35 -17.39 14.73 10.51
CA CYS B 35 -16.35 15.12 9.55
C CYS B 35 -16.75 16.45 8.87
N ILE B 36 -18.03 16.57 8.54
CA ILE B 36 -18.64 17.74 7.85
C ILE B 36 -18.57 18.92 8.82
N ASP B 37 -18.88 18.67 10.09
CA ASP B 37 -18.84 19.71 11.16
C ASP B 37 -17.43 20.26 11.30
N VAL B 38 -16.42 19.40 11.50
CA VAL B 38 -15.01 19.83 11.69
C VAL B 38 -14.59 20.66 10.48
N PHE B 39 -14.86 20.16 9.28
CA PHE B 39 -14.50 20.86 8.02
C PHE B 39 -15.13 22.26 8.00
N THR B 40 -16.43 22.35 8.26
CA THR B 40 -17.18 23.62 8.27
C THR B 40 -16.52 24.56 9.29
N ALA B 41 -16.34 24.10 10.52
CA ALA B 41 -15.74 24.87 11.63
C ALA B 41 -14.38 25.44 11.21
N ALA B 42 -13.53 24.62 10.56
CA ALA B 42 -12.11 24.91 10.26
C ALA B 42 -12.05 25.92 9.12
N VAL B 43 -12.85 25.70 8.06
CA VAL B 43 -12.99 26.63 6.90
C VAL B 43 -13.37 28.02 7.40
N ASN B 44 -14.24 28.06 8.41
CA ASN B 44 -14.76 29.31 8.98
C ASN B 44 -13.64 30.09 9.73
N LEU B 45 -12.46 29.50 10.02
CA LEU B 45 -11.34 30.22 10.69
C LEU B 45 -10.35 30.72 9.63
N LEU B 46 -10.60 30.44 8.36
CA LEU B 46 -9.68 30.82 7.25
C LEU B 46 -9.87 32.29 6.88
N PRO B 47 -8.84 32.91 6.25
CA PRO B 47 -8.92 34.29 5.78
C PRO B 47 -9.68 34.52 4.46
N TYR B 48 -10.04 33.45 3.74
CA TYR B 48 -10.68 33.49 2.40
C TYR B 48 -11.85 32.50 2.38
N ALA B 49 -12.81 32.73 1.49
CA ALA B 49 -14.00 31.87 1.32
C ALA B 49 -13.55 30.58 0.63
N VAL B 50 -14.23 29.50 0.94
CA VAL B 50 -14.01 28.19 0.25
C VAL B 50 -15.37 27.68 -0.21
N PRO B 51 -15.91 28.16 -1.35
CA PRO B 51 -17.15 27.63 -1.88
C PRO B 51 -16.91 26.16 -2.26
N VAL B 52 -17.80 25.26 -1.85
CA VAL B 52 -17.62 23.81 -2.12
C VAL B 52 -18.88 23.17 -2.70
N LYS B 53 -18.66 22.11 -3.48
CA LYS B 53 -19.68 21.11 -3.86
C LYS B 53 -19.17 19.78 -3.34
N PHE B 54 -19.92 19.15 -2.43
CA PHE B 54 -19.62 17.82 -1.85
C PHE B 54 -20.10 16.78 -2.86
N ILE B 55 -19.21 15.91 -3.31
CA ILE B 55 -19.50 14.91 -4.36
C ILE B 55 -19.45 13.52 -3.74
N PRO B 56 -20.57 12.76 -3.73
CA PRO B 56 -20.59 11.46 -3.08
C PRO B 56 -19.61 10.54 -3.82
N TYR B 57 -18.69 9.92 -3.09
CA TYR B 57 -17.81 8.89 -3.70
C TYR B 57 -18.25 7.54 -3.15
N GLY B 58 -18.61 6.61 -4.05
CA GLY B 58 -18.93 5.23 -3.66
C GLY B 58 -20.28 4.82 -4.21
N ASN B 59 -20.55 3.51 -4.16
CA ASN B 59 -21.58 2.85 -5.00
C ASN B 59 -22.94 2.87 -4.30
N GLY B 60 -23.07 3.51 -3.12
CA GLY B 60 -24.34 3.64 -2.38
C GLY B 60 -24.71 2.34 -1.68
N LYS B 61 -23.93 1.28 -1.89
CA LYS B 61 -24.29 -0.08 -1.48
C LYS B 61 -23.35 -0.46 -0.34
N GLU B 62 -22.05 -0.28 -0.56
CA GLU B 62 -21.03 -0.62 0.44
C GLU B 62 -20.16 0.61 0.60
N ASN B 63 -19.51 0.78 1.75
CA ASN B 63 -18.59 1.92 2.00
C ASN B 63 -17.52 1.88 0.92
N PRO B 64 -17.10 3.02 0.36
CA PRO B 64 -16.11 3.01 -0.72
C PRO B 64 -14.70 2.64 -0.24
N SER B 65 -13.85 2.30 -1.19
CA SER B 65 -12.39 2.23 -0.91
C SER B 65 -11.92 3.65 -0.59
N TYR B 66 -11.45 3.90 0.63
CA TYR B 66 -10.99 5.26 1.04
C TYR B 66 -9.70 5.63 0.26
N THR B 67 -8.81 4.68 -0.04
CA THR B 67 -7.56 4.95 -0.78
C THR B 67 -7.93 5.41 -2.20
N HIS B 68 -8.85 4.72 -2.85
CA HIS B 68 -9.33 5.04 -4.23
C HIS B 68 -10.07 6.38 -4.24
N MET B 69 -10.80 6.70 -3.17
CA MET B 69 -11.43 8.04 -3.04
C MET B 69 -10.32 9.09 -3.19
N VAL B 70 -9.26 8.90 -2.41
CA VAL B 70 -8.15 9.87 -2.33
C VAL B 70 -7.36 9.85 -3.65
N GLU B 71 -7.28 8.71 -4.35
CA GLU B 71 -6.59 8.61 -5.68
C GLU B 71 -7.24 9.58 -6.69
N MET B 72 -8.51 9.91 -6.51
CA MET B 72 -9.33 10.78 -7.42
C MET B 72 -8.95 12.26 -7.29
N ILE B 73 -8.15 12.64 -6.29
CA ILE B 73 -7.50 13.99 -6.20
C ILE B 73 -6.39 14.07 -7.25
N THR B 74 -5.65 12.98 -7.44
CA THR B 74 -4.42 12.93 -8.26
C THR B 74 -4.81 13.05 -9.73
N THR B 75 -6.00 12.56 -10.09
CA THR B 75 -6.55 12.55 -11.46
C THR B 75 -7.33 13.83 -11.76
N GLY B 76 -7.47 14.73 -10.77
CA GLY B 76 -8.15 16.03 -10.93
C GLY B 76 -9.67 15.94 -10.82
N ASN B 77 -10.24 14.76 -10.58
CA ASN B 77 -11.71 14.58 -10.35
C ASN B 77 -12.13 15.33 -9.08
N PHE B 78 -11.34 15.25 -8.00
CA PHE B 78 -11.60 15.99 -6.73
C PHE B 78 -10.51 17.04 -6.47
N ASP B 79 -10.91 18.24 -6.02
CA ASP B 79 -9.97 19.29 -5.53
C ASP B 79 -9.56 18.97 -4.08
N GLY B 80 -10.24 18.03 -3.45
CA GLY B 80 -9.94 17.66 -2.05
C GLY B 80 -10.93 16.62 -1.60
N VAL B 81 -10.66 15.97 -0.47
CA VAL B 81 -11.51 14.92 0.11
C VAL B 81 -11.71 15.25 1.59
N VAL B 82 -12.98 15.29 2.00
CA VAL B 82 -13.45 15.53 3.38
C VAL B 82 -14.21 14.30 3.85
N GLY B 83 -13.73 13.68 4.92
CA GLY B 83 -14.32 12.45 5.49
C GLY B 83 -13.40 11.87 6.52
N ASP B 84 -13.76 10.67 6.98
CA ASP B 84 -13.09 9.90 8.05
C ASP B 84 -11.92 9.14 7.41
N VAL B 85 -10.97 9.88 6.84
CA VAL B 85 -9.86 9.33 6.02
C VAL B 85 -8.61 9.19 6.89
N ALA B 86 -8.19 7.93 7.14
CA ALA B 86 -6.99 7.61 7.95
C ALA B 86 -5.73 8.05 7.18
N ILE B 87 -4.82 8.71 7.90
CA ILE B 87 -3.62 9.38 7.34
C ILE B 87 -2.54 8.30 7.26
N VAL B 88 -2.67 7.33 6.33
CA VAL B 88 -1.77 6.13 6.26
C VAL B 88 -0.74 6.33 5.15
N THR B 89 0.38 5.60 5.26
CA THR B 89 1.63 5.86 4.51
C THR B 89 1.31 5.89 3.00
N ASN B 90 0.62 4.89 2.45
CA ASN B 90 0.41 4.79 0.97
C ASN B 90 -0.36 6.00 0.43
N ARG B 91 -1.27 6.57 1.23
CA ARG B 91 -2.07 7.76 0.83
C ARG B 91 -1.22 9.04 0.89
N THR B 92 -0.38 9.19 1.92
CA THR B 92 0.53 10.35 2.05
C THR B 92 1.55 10.35 0.91
N LYS B 93 1.81 9.20 0.28
CA LYS B 93 2.68 9.08 -0.93
C LYS B 93 2.03 9.77 -2.13
N ILE B 94 0.72 10.06 -2.11
CA ILE B 94 0.05 10.60 -3.34
C ILE B 94 -0.68 11.93 -3.12
N VAL B 95 -1.05 12.28 -1.88
CA VAL B 95 -1.87 13.48 -1.57
C VAL B 95 -1.31 14.11 -0.30
N ASP B 96 -1.55 15.41 -0.08
CA ASP B 96 -1.20 16.15 1.18
C ASP B 96 -2.42 16.14 2.14
N PHE B 97 -2.20 15.65 3.35
CA PHE B 97 -3.22 15.62 4.43
C PHE B 97 -3.01 16.81 5.35
N THR B 98 -4.07 17.21 6.03
CA THR B 98 -4.04 18.20 7.14
C THR B 98 -3.45 17.52 8.37
N GLN B 99 -3.01 18.31 9.36
CA GLN B 99 -2.96 17.84 10.76
C GLN B 99 -4.19 16.97 11.01
N PRO B 100 -4.06 15.85 11.74
CA PRO B 100 -5.22 15.04 12.09
C PRO B 100 -6.24 15.89 12.88
N TYR B 101 -7.54 15.68 12.65
CA TYR B 101 -8.65 16.32 13.41
C TYR B 101 -9.28 15.28 14.35
N ALA B 102 -8.90 14.02 14.21
CA ALA B 102 -9.40 12.90 15.04
C ALA B 102 -8.30 11.84 15.23
N ALA B 103 -8.13 11.37 16.46
CA ALA B 103 -7.27 10.23 16.81
C ALA B 103 -7.97 8.95 16.32
N SER B 104 -7.20 8.02 15.79
CA SER B 104 -7.68 6.69 15.36
C SER B 104 -6.53 5.70 15.52
N GLY B 105 -6.83 4.45 15.21
CA GLY B 105 -5.89 3.33 15.33
C GLY B 105 -6.64 2.02 15.32
N LEU B 106 -5.97 0.97 14.88
CA LEU B 106 -6.58 -0.36 14.72
C LEU B 106 -6.67 -1.00 16.10
N VAL B 107 -7.79 -1.65 16.38
CA VAL B 107 -8.00 -2.48 17.61
C VAL B 107 -8.59 -3.82 17.17
N VAL B 108 -8.44 -4.82 18.03
CA VAL B 108 -9.09 -6.15 17.89
C VAL B 108 -10.41 -6.11 18.65
N VAL B 109 -11.49 -6.61 18.04
CA VAL B 109 -12.83 -6.75 18.70
C VAL B 109 -13.19 -8.24 18.72
N ALA B 110 -13.63 -8.72 19.87
CA ALA B 110 -14.01 -10.13 20.10
C ALA B 110 -15.05 -10.19 21.22
N PRO B 111 -15.63 -11.38 21.49
CA PRO B 111 -16.49 -11.56 22.67
C PRO B 111 -15.84 -11.20 24.01
N GLY B 112 -16.61 -10.66 24.96
CA GLY B 112 -16.12 -10.24 26.28
C GLY B 112 -15.25 -11.30 26.92
N GLY B 113 -15.71 -12.54 26.91
CA GLY B 113 -15.05 -13.68 27.56
C GLY B 113 -14.05 -14.38 26.64
N THR B 114 -13.63 -13.76 25.54
CA THR B 114 -12.64 -14.34 24.59
C THR B 114 -11.34 -14.72 25.31
N PRO B 115 -10.70 -15.85 24.92
CA PRO B 115 -9.33 -16.15 25.35
C PRO B 115 -8.26 -15.46 24.50
N ILE B 116 -8.68 -14.81 23.40
CA ILE B 116 -7.80 -13.99 22.53
C ILE B 116 -7.14 -12.88 23.37
N LYS B 117 -5.83 -12.74 23.21
CA LYS B 117 -4.95 -11.87 24.04
C LYS B 117 -4.85 -10.50 23.37
N GLY B 118 -4.83 -10.49 22.04
CA GLY B 118 -4.56 -9.27 21.26
C GLY B 118 -4.25 -9.65 19.84
N ILE B 119 -3.76 -8.71 19.06
CA ILE B 119 -3.49 -8.92 17.60
C ILE B 119 -2.50 -10.09 17.44
N GLU B 120 -1.55 -10.25 18.36
CA GLU B 120 -0.45 -11.24 18.19
C GLU B 120 -1.06 -12.64 18.30
N SER B 121 -1.77 -12.94 19.37
CA SER B 121 -2.38 -14.29 19.59
C SER B 121 -3.47 -14.52 18.54
N LEU B 122 -4.09 -13.45 18.04
CA LEU B 122 -5.07 -13.53 16.95
C LEU B 122 -4.34 -13.86 15.65
N ARG B 123 -3.18 -13.25 15.43
CA ARG B 123 -2.26 -13.59 14.31
C ARG B 123 -2.02 -15.11 14.32
N GLU B 124 -1.55 -15.63 15.46
CA GLU B 124 -1.12 -17.05 15.67
C GLU B 124 -2.31 -18.01 15.52
N ARG B 125 -3.53 -17.49 15.66
CA ARG B 125 -4.82 -18.22 15.48
C ARG B 125 -4.95 -18.62 14.00
N ASP B 126 -5.82 -19.59 13.72
CA ASP B 126 -6.10 -20.18 12.37
C ASP B 126 -7.36 -19.56 11.77
N ASP B 127 -8.04 -18.69 12.52
CA ASP B 127 -9.49 -18.41 12.36
C ASP B 127 -9.70 -17.24 11.41
N PRO B 128 -10.94 -17.08 10.89
CA PRO B 128 -11.28 -15.90 10.10
C PRO B 128 -11.16 -14.61 10.94
N ILE B 129 -10.78 -13.52 10.27
CA ILE B 129 -10.66 -12.15 10.83
C ILE B 129 -11.50 -11.23 9.95
N GLY B 130 -12.46 -10.52 10.55
CA GLY B 130 -13.25 -9.49 9.88
C GLY B 130 -12.55 -8.15 9.82
N TYR B 131 -12.80 -7.38 8.76
CA TYR B 131 -12.41 -5.96 8.59
C TYR B 131 -13.59 -5.21 7.96
N GLN B 132 -13.55 -3.88 8.03
CA GLN B 132 -14.62 -3.04 7.47
C GLN B 132 -14.39 -2.86 5.97
N VAL B 133 -15.43 -3.08 5.19
CA VAL B 133 -15.42 -2.82 3.72
C VAL B 133 -14.78 -1.44 3.52
N GLY B 134 -13.78 -1.35 2.66
CA GLY B 134 -13.24 -0.09 2.15
C GLY B 134 -12.08 0.40 2.98
N SER B 135 -11.82 -0.27 4.11
CA SER B 135 -10.75 0.10 5.05
C SER B 135 -9.37 -0.31 4.52
N PHE B 136 -8.35 0.47 4.88
CA PHE B 136 -6.90 0.14 4.78
C PHE B 136 -6.55 -1.11 5.62
N ALA B 137 -7.37 -1.45 6.63
CA ALA B 137 -7.10 -2.55 7.58
C ALA B 137 -6.78 -3.86 6.83
N GLU B 138 -7.44 -4.14 5.69
CA GLU B 138 -7.23 -5.37 4.88
C GLU B 138 -5.75 -5.45 4.46
N SER B 139 -5.24 -4.42 3.80
CA SER B 139 -3.79 -4.27 3.47
C SER B 139 -2.90 -4.39 4.72
N TYR B 140 -3.30 -3.82 5.86
CA TYR B 140 -2.46 -3.88 7.08
C TYR B 140 -2.34 -5.34 7.53
N LEU B 141 -3.48 -6.02 7.70
CA LEU B 141 -3.53 -7.46 8.05
C LEU B 141 -2.63 -8.28 7.10
N ARG B 142 -2.70 -8.02 5.81
CA ARG B 142 -1.93 -8.77 4.79
C ARG B 142 -0.44 -8.43 4.92
N ASN B 143 -0.09 -7.14 4.81
CA ASN B 143 1.30 -6.68 4.58
C ASN B 143 2.09 -6.53 5.90
N GLU B 144 1.41 -6.29 7.02
CA GLU B 144 2.07 -6.06 8.32
C GLU B 144 2.06 -7.36 9.14
N LEU B 145 0.96 -8.12 9.10
CA LEU B 145 0.79 -9.33 9.94
C LEU B 145 0.91 -10.62 9.13
N ASN B 146 0.95 -10.52 7.80
CA ASN B 146 1.11 -11.65 6.84
C ASN B 146 -0.06 -12.63 7.01
N ILE B 147 -1.24 -12.13 7.35
CA ILE B 147 -2.48 -12.93 7.44
C ILE B 147 -2.89 -13.28 6.00
N SER B 148 -3.22 -14.54 5.70
CA SER B 148 -3.69 -14.96 4.36
C SER B 148 -5.04 -14.30 4.05
N GLU B 149 -5.25 -13.96 2.77
CA GLU B 149 -6.50 -13.37 2.26
C GLU B 149 -7.65 -14.32 2.56
N SER B 150 -7.42 -15.63 2.52
CA SER B 150 -8.46 -16.66 2.73
C SER B 150 -9.07 -16.55 4.14
N ARG B 151 -8.39 -15.87 5.08
CA ARG B 151 -8.80 -15.67 6.50
C ARG B 151 -9.42 -14.26 6.71
N LEU B 152 -9.43 -13.39 5.70
CA LEU B 152 -9.95 -12.02 5.86
C LEU B 152 -11.38 -11.98 5.32
N VAL B 153 -12.32 -11.46 6.11
CA VAL B 153 -13.77 -11.42 5.77
C VAL B 153 -14.23 -9.98 5.81
N PRO B 154 -14.61 -9.36 4.67
CA PRO B 154 -15.14 -8.01 4.68
C PRO B 154 -16.54 -7.93 5.31
N LEU B 155 -16.75 -6.97 6.23
CA LEU B 155 -18.05 -6.67 6.88
C LEU B 155 -18.37 -5.19 6.68
N GLY B 156 -19.61 -4.83 6.32
CA GLY B 156 -19.97 -3.47 5.84
C GLY B 156 -20.79 -2.66 6.83
N THR B 157 -21.33 -3.29 7.87
CA THR B 157 -22.27 -2.68 8.83
C THR B 157 -22.04 -3.27 10.22
N PRO B 158 -22.44 -2.56 11.29
CA PRO B 158 -22.36 -3.10 12.64
C PRO B 158 -23.22 -4.36 12.80
N GLU B 159 -24.39 -4.39 12.14
CA GLU B 159 -25.29 -5.57 12.00
C GLU B 159 -24.47 -6.77 11.50
N ALA B 160 -23.63 -6.56 10.48
CA ALA B 160 -22.77 -7.62 9.88
C ALA B 160 -21.66 -8.04 10.86
N TYR B 161 -21.10 -7.10 11.63
CA TYR B 161 -20.06 -7.34 12.68
C TYR B 161 -20.62 -8.27 13.77
N ALA B 162 -21.80 -7.92 14.28
CA ALA B 162 -22.48 -8.64 15.39
C ALA B 162 -22.80 -10.07 14.96
N LYS B 163 -23.42 -10.22 13.79
CA LYS B 163 -23.75 -11.55 13.22
C LYS B 163 -22.46 -12.39 13.13
N ALA B 164 -21.40 -11.84 12.54
CA ALA B 164 -20.15 -12.59 12.25
C ALA B 164 -19.52 -13.05 13.57
N LEU B 165 -19.47 -12.17 14.58
CA LEU B 165 -18.88 -12.46 15.89
C LEU B 165 -19.75 -13.46 16.66
N LYS B 166 -21.08 -13.35 16.56
CA LYS B 166 -22.03 -14.28 17.23
C LYS B 166 -21.97 -15.66 16.58
N ASP B 167 -22.00 -15.71 15.25
CA ASP B 167 -21.91 -16.97 14.48
C ASP B 167 -20.53 -17.58 14.72
N GLY B 168 -19.48 -16.76 14.77
CA GLY B 168 -18.10 -17.20 15.07
C GLY B 168 -17.57 -18.12 13.99
N PRO B 169 -16.32 -18.63 14.12
CA PRO B 169 -15.65 -19.35 13.05
C PRO B 169 -16.41 -20.59 12.55
N SER B 170 -17.09 -21.32 13.42
CA SER B 170 -17.72 -22.62 13.09
C SER B 170 -18.97 -22.47 12.22
N LYS B 171 -19.68 -21.32 12.27
CA LYS B 171 -20.93 -21.10 11.48
C LYS B 171 -20.70 -19.97 10.47
N GLY B 172 -19.59 -20.02 9.73
CA GLY B 172 -19.27 -19.08 8.64
C GLY B 172 -19.09 -17.66 9.12
N GLY B 173 -18.63 -17.46 10.37
CA GLY B 173 -18.35 -16.12 10.92
C GLY B 173 -16.85 -15.89 11.08
N VAL B 174 -16.49 -15.07 12.07
CA VAL B 174 -15.10 -14.59 12.35
C VAL B 174 -14.84 -14.76 13.85
N ALA B 175 -13.56 -14.90 14.22
CA ALA B 175 -13.06 -15.05 15.61
C ALA B 175 -12.99 -13.68 16.28
N ALA B 176 -12.68 -12.65 15.48
CA ALA B 176 -12.52 -11.26 15.95
C ALA B 176 -12.67 -10.33 14.75
N ILE B 177 -12.84 -9.03 15.01
CA ILE B 177 -12.79 -7.95 13.99
C ILE B 177 -11.62 -7.03 14.31
N VAL B 178 -10.90 -6.61 13.28
CA VAL B 178 -9.89 -5.53 13.35
C VAL B 178 -10.47 -4.34 12.60
N ASP B 179 -10.59 -3.23 13.30
CA ASP B 179 -11.16 -1.98 12.75
C ASP B 179 -10.62 -0.85 13.61
N GLU B 180 -10.69 0.37 13.09
CA GLU B 180 -10.29 1.60 13.81
C GLU B 180 -11.21 1.82 15.01
N ARG B 181 -10.66 2.46 16.04
CA ARG B 181 -11.34 2.67 17.36
C ARG B 181 -12.66 3.45 17.20
N PRO B 182 -12.75 4.55 16.41
CA PRO B 182 -14.00 5.32 16.32
C PRO B 182 -15.24 4.50 15.91
N TYR B 183 -15.15 3.65 14.87
CA TYR B 183 -16.24 2.74 14.44
C TYR B 183 -16.53 1.74 15.56
N VAL B 184 -15.48 1.22 16.22
CA VAL B 184 -15.59 0.10 17.20
C VAL B 184 -16.37 0.61 18.42
N GLU B 185 -16.11 1.85 18.84
CA GLU B 185 -16.77 2.47 20.01
C GLU B 185 -18.26 2.60 19.73
N LEU B 186 -18.68 3.02 18.53
CA LEU B 186 -20.10 3.11 18.10
C LEU B 186 -20.73 1.70 18.07
N PHE B 187 -19.99 0.70 17.55
CA PHE B 187 -20.42 -0.73 17.50
C PHE B 187 -20.65 -1.25 18.92
N LEU B 188 -19.67 -1.07 19.81
CA LEU B 188 -19.74 -1.60 21.20
C LEU B 188 -20.92 -0.94 21.95
N SER B 189 -21.23 0.34 21.67
CA SER B 189 -22.31 1.09 22.37
C SER B 189 -23.67 0.39 22.13
N SER B 190 -23.86 -0.23 20.97
CA SER B 190 -25.08 -0.96 20.55
C SER B 190 -24.95 -2.46 20.86
N ASN B 191 -23.75 -2.93 21.19
CA ASN B 191 -23.42 -4.38 21.21
C ASN B 191 -22.45 -4.68 22.36
N CYS B 192 -22.96 -4.77 23.59
CA CYS B 192 -22.13 -4.89 24.82
C CYS B 192 -21.58 -6.32 24.97
N ALA B 193 -21.97 -7.27 24.10
CA ALA B 193 -21.51 -8.67 24.17
C ALA B 193 -20.03 -8.75 23.76
N TYR B 194 -19.50 -7.71 23.09
CA TYR B 194 -18.12 -7.69 22.55
C TYR B 194 -17.32 -6.59 23.25
N ARG B 195 -16.04 -6.68 23.08
CA ARG B 195 -15.10 -5.62 23.56
C ARG B 195 -13.76 -5.55 22.73
N ILE B 196 -13.11 -4.42 22.95
CA ILE B 196 -11.70 -4.28 22.48
C ILE B 196 -10.85 -5.26 23.30
N VAL B 197 -10.01 -6.04 22.63
CA VAL B 197 -8.99 -6.94 23.25
C VAL B 197 -7.59 -6.32 23.01
N GLY B 198 -6.82 -6.19 24.07
CA GLY B 198 -5.45 -5.67 24.03
C GLY B 198 -5.44 -4.20 23.65
N GLN B 199 -4.28 -3.68 23.27
CA GLN B 199 -4.10 -2.22 23.07
C GLN B 199 -4.24 -1.93 21.56
N GLU B 200 -4.56 -0.67 21.24
CA GLU B 200 -4.45 -0.04 19.90
C GLU B 200 -3.04 -0.30 19.36
N PHE B 201 -2.91 -0.85 18.14
CA PHE B 201 -1.60 -1.28 17.59
C PHE B 201 -1.24 -0.49 16.32
N THR B 202 -2.09 0.46 15.92
CA THR B 202 -1.70 1.55 14.98
C THR B 202 -2.25 2.85 15.54
N LYS B 203 -1.86 3.98 14.96
CA LYS B 203 -2.12 5.30 15.58
C LYS B 203 -2.33 6.39 14.53
N SER B 204 -2.58 6.05 13.26
CA SER B 204 -2.86 7.08 12.22
C SER B 204 -4.19 7.78 12.54
N GLY B 205 -4.14 9.10 12.60
CA GLY B 205 -5.34 9.95 12.75
C GLY B 205 -6.11 10.08 11.45
N TRP B 206 -7.20 10.84 11.48
CA TRP B 206 -7.97 11.23 10.27
C TRP B 206 -7.59 12.67 9.88
N GLY B 207 -7.48 12.89 8.59
CA GLY B 207 -7.23 14.25 8.07
C GLY B 207 -8.00 14.43 6.78
N PHE B 208 -8.12 15.69 6.34
CA PHE B 208 -8.65 16.09 5.02
C PHE B 208 -7.47 16.03 4.03
N ALA B 209 -7.77 15.66 2.78
CA ALA B 209 -6.76 15.36 1.75
C ALA B 209 -6.89 16.40 0.64
N PHE B 210 -5.75 16.86 0.13
CA PHE B 210 -5.64 17.87 -0.94
C PHE B 210 -4.49 17.49 -1.87
N PRO B 211 -4.43 18.09 -3.09
CA PRO B 211 -3.28 17.94 -3.99
C PRO B 211 -1.93 18.23 -3.31
N ARG B 212 -0.86 17.64 -3.83
CA ARG B 212 0.51 17.89 -3.32
C ARG B 212 0.79 19.39 -3.39
N ASP B 213 1.33 19.94 -2.31
CA ASP B 213 1.72 21.37 -2.20
C ASP B 213 0.45 22.25 -2.10
N SER B 214 -0.75 21.66 -1.88
CA SER B 214 -2.00 22.44 -1.69
C SER B 214 -1.81 23.38 -0.50
N PRO B 215 -1.96 24.72 -0.73
CA PRO B 215 -1.99 25.69 0.35
C PRO B 215 -3.14 25.42 1.34
N LEU B 216 -4.25 24.86 0.82
CA LEU B 216 -5.51 24.63 1.55
C LEU B 216 -5.24 23.64 2.70
N ALA B 217 -4.38 22.64 2.46
CA ALA B 217 -4.03 21.58 3.43
C ALA B 217 -3.23 22.21 4.58
N ILE B 218 -2.25 23.05 4.26
CA ILE B 218 -1.47 23.81 5.29
C ILE B 218 -2.39 24.80 6.01
N ASP B 219 -3.29 25.50 5.30
CA ASP B 219 -4.16 26.53 5.91
C ASP B 219 -5.19 25.88 6.84
N LEU B 220 -5.80 24.76 6.43
CA LEU B 220 -6.77 24.01 7.28
C LEU B 220 -6.11 23.37 8.50
N SER B 221 -4.81 23.03 8.42
CA SER B 221 -3.98 22.49 9.51
C SER B 221 -3.89 23.52 10.68
N THR B 222 -3.82 24.79 10.38
CA THR B 222 -3.80 25.89 11.38
C THR B 222 -5.21 25.95 12.00
N ALA B 223 -6.24 25.90 11.16
CA ALA B 223 -7.66 25.93 11.58
C ALA B 223 -7.93 24.79 12.56
N ILE B 224 -7.40 23.61 12.26
CA ILE B 224 -7.62 22.37 13.06
C ILE B 224 -6.91 22.51 14.43
N LEU B 225 -5.63 22.87 14.45
CA LEU B 225 -4.84 23.18 15.69
C LEU B 225 -5.56 24.23 16.55
N GLU B 226 -6.22 25.21 15.93
CA GLU B 226 -7.04 26.27 16.58
C GLU B 226 -8.28 25.63 17.24
N LEU B 227 -9.02 24.80 16.51
CA LEU B 227 -10.18 24.06 17.07
C LEU B 227 -9.69 23.17 18.23
N ALA B 228 -8.55 22.49 18.06
CA ALA B 228 -8.01 21.51 19.04
C ALA B 228 -7.62 22.23 20.34
N GLU B 229 -6.90 23.36 20.24
CA GLU B 229 -6.28 24.05 21.40
C GLU B 229 -7.36 24.64 22.31
N ASN B 230 -8.43 25.10 21.67
CA ASN B 230 -9.60 25.79 22.29
C ASN B 230 -10.62 24.80 22.88
N GLY B 231 -10.47 23.49 22.62
CA GLY B 231 -11.41 22.44 23.06
C GLY B 231 -12.65 22.32 22.15
N ASP B 232 -12.71 23.01 21.01
CA ASP B 232 -13.90 23.00 20.11
C ASP B 232 -14.01 21.64 19.41
N LEU B 233 -12.85 21.10 19.04
CA LEU B 233 -12.76 19.76 18.42
C LEU B 233 -13.36 18.72 19.37
N GLN B 234 -13.04 18.77 20.67
CA GLN B 234 -13.53 17.73 21.61
C GLN B 234 -15.05 17.88 21.72
N ARG B 235 -15.53 19.12 21.77
CA ARG B 235 -16.98 19.47 21.85
C ARG B 235 -17.71 18.89 20.63
N ILE B 236 -17.13 19.06 19.45
CA ILE B 236 -17.74 18.61 18.16
C ILE B 236 -17.71 17.08 18.12
N HIS B 237 -16.65 16.47 18.63
CA HIS B 237 -16.55 15.00 18.77
C HIS B 237 -17.77 14.52 19.55
N ASP B 238 -18.05 15.20 20.65
CA ASP B 238 -18.96 14.70 21.72
C ASP B 238 -20.40 14.86 21.27
N LYS B 239 -20.74 15.90 20.51
CA LYS B 239 -22.14 16.08 20.03
C LYS B 239 -22.50 14.99 19.02
N TRP B 240 -21.52 14.39 18.32
CA TRP B 240 -21.78 13.34 17.28
C TRP B 240 -21.52 11.93 17.81
N LEU B 241 -20.66 11.74 18.80
CA LEU B 241 -20.05 10.42 19.07
C LEU B 241 -20.19 9.96 20.52
N MET B 242 -20.89 10.72 21.36
CA MET B 242 -21.16 10.35 22.79
C MET B 242 -22.51 9.63 22.89
N CYS B 246 -19.15 -0.40 27.58
CA CYS B 246 -20.11 -1.34 28.22
C CYS B 246 -19.44 -2.03 29.42
N GLU C . 12.71 -5.14 -7.63
CA GLU C . 12.09 -4.03 -6.79
C GLU C . 12.82 -3.98 -5.45
O GLU C . 13.68 -4.84 -5.16
CB GLU C . 10.59 -4.26 -6.62
CG GLU C . 9.73 -3.81 -7.81
CD GLU C . 8.33 -3.34 -7.43
OE1 GLU C . 7.36 -4.12 -7.65
OE2 GLU C . 8.21 -2.20 -6.86
OXT GLU C . 12.61 -3.11 -4.60
S SO4 D . 12.79 0.84 1.30
O1 SO4 D . 13.68 -0.23 1.61
O2 SO4 D . 12.69 1.70 2.44
O3 SO4 D . 11.49 0.35 0.95
O4 SO4 D . 13.32 1.58 0.19
NA NA E . 7.84 -20.90 -13.99
NA NA F . 19.84 -28.73 4.90
C1 EDO G . 25.53 -3.64 -5.28
O1 EDO G . 26.56 -3.42 -6.22
C2 EDO G . 25.56 -5.00 -4.66
O2 EDO G . 24.30 -5.64 -4.43
C1 EDO H . 14.68 -21.41 7.46
O1 EDO H . 15.13 -20.54 6.43
C2 EDO H . 14.78 -20.87 8.85
O2 EDO H . 13.55 -20.42 9.36
C1 EDO I . 31.42 -12.48 -7.29
O1 EDO I . 31.73 -12.25 -5.94
C2 EDO I . 31.37 -13.93 -7.61
O2 EDO I . 30.59 -14.27 -8.75
C1 EDO J . -2.62 -11.01 -17.60
O1 EDO J . -4.01 -10.78 -17.79
C2 EDO J . -2.34 -11.69 -16.33
O2 EDO J . -3.05 -12.92 -16.23
N GLU K . -11.44 5.18 8.00
CA GLU K . -11.20 4.02 7.06
C GLU K . -10.00 4.31 6.17
O GLU K . -9.57 3.49 5.39
CB GLU K . -12.44 3.76 6.20
CG GLU K . -13.59 3.08 6.93
CD GLU K . -14.45 2.24 6.01
OE1 GLU K . -15.65 2.55 5.88
OE2 GLU K . -13.92 1.29 5.41
OXT GLU K . -9.41 5.40 6.22
S SO4 L . -5.69 0.11 0.44
O1 SO4 L . -5.47 -1.22 0.92
O2 SO4 L . -7.05 0.46 0.71
O3 SO4 L . -4.80 1.03 1.08
O4 SO4 L . -5.46 0.13 -0.98
C1 EDO M . -30.88 10.00 -2.14
O1 EDO M . -30.53 10.95 -1.15
C2 EDO M . -32.20 9.34 -1.89
O2 EDO M . -32.23 8.59 -0.70
C1 EDO N . -10.40 12.33 19.03
O1 EDO N . -9.16 12.95 18.75
C2 EDO N . -11.10 11.82 17.83
O2 EDO N . -11.28 10.41 17.77
C1 EDO O . -6.73 -5.62 28.72
O1 EDO O . -7.49 -4.46 29.00
C2 EDO O . -6.62 -5.90 27.28
O2 EDO O . -7.56 -6.87 26.82
#